data_9KK8
#
_entry.id   9KK8
#
_cell.length_a   92.690
_cell.length_b   92.690
_cell.length_c   93.052
_cell.angle_alpha   90.00
_cell.angle_beta   90.00
_cell.angle_gamma   120.00
#
_symmetry.space_group_name_H-M   'P 32 2 1'
#
loop_
_entity.id
_entity.type
_entity.pdbx_description
1 polymer '2-aminoethylphosphonate--pyruvate transaminase'
2 water water
#
_entity_poly.entity_id   1
_entity_poly.type   'polypeptide(L)'
_entity_poly.pdbx_seq_one_letter_code
;GAMKNEYLLLTPGPLSTSEAVREAMLKDWCTWDDEYNKDIVEVIRTKLVKLATKHSGYTSVLMQGSGTASVEATIGSAIG
KEGKLLVVDNGAYGARIAQIADYLNIPCHAVSPGETSQPHLNEVETALASDPAITHVAIVHCETTTGMLNPIEAFASAAK
AHGKVVILDAMSSFGGIPIDIAELGIDFMISSAN(LLP)CIQGVPGFGFVIAKKTELEKCQGQARSLSLDLYDQWHCMEV
NHGKWRFTSPTHTVRAFYQALLELEQEGGIEARHNRYQTNQKTLVAGMRSLGFEPLLSDDLHSPIITSFYSPTHSDYQFK
AFYTRLKEQGFVIYPGKVSNADCFRIGNIGEVYPADIERLIGAIEKAMYWQVA
;
_entity_poly.pdbx_strand_id   A
#
# COMPACT_ATOMS: atom_id res chain seq x y z
N GLU A 6 -11.50 -3.25 21.34
CA GLU A 6 -12.93 -3.60 21.46
C GLU A 6 -13.42 -4.45 20.26
N TYR A 7 -13.10 -4.01 19.01
CA TYR A 7 -13.42 -4.66 17.74
C TYR A 7 -12.15 -5.03 17.01
N LEU A 8 -12.16 -6.12 16.23
CA LEU A 8 -11.03 -6.44 15.37
C LEU A 8 -11.34 -5.79 14.01
N LEU A 9 -10.46 -4.89 13.54
CA LEU A 9 -10.67 -4.16 12.29
C LEU A 9 -10.11 -4.95 11.12
N LEU A 10 -11.02 -5.55 10.34
CA LEU A 10 -10.69 -6.37 9.16
C LEU A 10 -10.79 -5.49 7.92
N THR A 11 -10.06 -4.36 7.99
CA THR A 11 -9.98 -3.28 7.01
C THR A 11 -8.62 -3.30 6.26
N PRO A 12 -8.43 -2.47 5.20
CA PRO A 12 -7.11 -2.43 4.56
C PRO A 12 -6.10 -1.53 5.29
N GLY A 13 -6.52 -0.91 6.39
CA GLY A 13 -5.72 0.02 7.17
C GLY A 13 -6.35 1.40 7.10
N PRO A 14 -6.45 2.19 8.20
CA PRO A 14 -6.02 1.92 9.60
C PRO A 14 -6.68 0.65 10.12
N LEU A 15 -5.92 -0.16 10.88
CA LEU A 15 -6.31 -1.49 11.35
C LEU A 15 -6.12 -1.67 12.85
N SER A 16 -6.23 -2.91 13.36
CA SER A 16 -6.02 -3.21 14.78
C SER A 16 -4.51 -3.32 15.01
N THR A 17 -3.96 -2.35 15.75
CA THR A 17 -2.54 -2.27 16.08
C THR A 17 -2.31 -2.93 17.40
N SER A 18 -1.07 -3.33 17.70
CA SER A 18 -0.78 -3.98 18.99
C SER A 18 -0.83 -2.95 20.12
N GLU A 19 -0.93 -3.39 21.36
CA GLU A 19 -0.87 -2.52 22.55
C GLU A 19 0.43 -1.70 22.60
N ALA A 20 1.60 -2.32 22.34
CA ALA A 20 2.90 -1.64 22.36
C ALA A 20 3.01 -0.55 21.29
N VAL A 21 2.40 -0.77 20.11
CA VAL A 21 2.40 0.21 19.02
C VAL A 21 1.63 1.47 19.45
N ARG A 22 0.48 1.31 20.13
CA ARG A 22 -0.30 2.43 20.62
C ARG A 22 0.30 3.06 21.88
N GLU A 23 0.91 2.25 22.74
CA GLU A 23 1.54 2.71 24.00
C GLU A 23 2.75 3.61 23.69
N ALA A 24 3.44 3.36 22.55
CA ALA A 24 4.59 4.15 22.09
C ALA A 24 4.23 5.63 21.76
N MET A 25 2.91 5.92 21.59
CA MET A 25 2.35 7.25 21.34
C MET A 25 2.15 8.09 22.64
N LEU A 26 2.48 7.51 23.82
CA LEU A 26 2.24 8.19 25.10
C LEU A 26 3.31 9.15 25.51
N LYS A 27 4.41 9.23 24.75
CA LYS A 27 5.50 10.18 25.03
C LYS A 27 5.48 11.36 24.01
N ASP A 28 5.76 12.58 24.49
CA ASP A 28 5.88 13.80 23.66
C ASP A 28 7.34 13.97 23.17
N TRP A 29 7.53 14.43 21.95
CA TRP A 29 8.87 14.58 21.38
C TRP A 29 9.15 15.99 20.94
N CYS A 30 10.43 16.41 21.14
CA CYS A 30 10.85 17.66 20.55
C CYS A 30 11.38 17.34 19.16
N THR A 31 10.78 17.97 18.19
CA THR A 31 11.08 17.93 16.76
C THR A 31 12.57 18.28 16.44
N TRP A 32 13.27 19.01 17.35
CA TRP A 32 14.64 19.49 17.15
C TRP A 32 15.69 18.62 17.84
N ASP A 33 15.23 17.73 18.74
CA ASP A 33 16.14 16.89 19.50
C ASP A 33 16.67 15.73 18.71
N ASP A 34 17.97 15.41 18.92
CA ASP A 34 18.73 14.33 18.30
C ASP A 34 18.20 12.95 18.65
N GLU A 35 17.56 12.82 19.83
CA GLU A 35 16.93 11.57 20.27
C GLU A 35 15.81 11.21 19.30
N TYR A 36 15.09 12.23 18.78
CA TYR A 36 14.02 12.02 17.81
C TYR A 36 14.61 11.79 16.41
N ASN A 37 15.35 12.78 15.89
CA ASN A 37 15.86 12.77 14.53
C ASN A 37 16.87 11.65 14.23
N LYS A 38 17.82 11.39 15.14
CA LYS A 38 18.83 10.36 14.88
C LYS A 38 18.42 9.00 15.41
N ASP A 39 17.89 8.94 16.65
CA ASP A 39 17.58 7.66 17.30
C ASP A 39 16.20 7.13 16.99
N ILE A 40 15.33 7.96 16.36
CA ILE A 40 14.01 7.48 15.93
C ILE A 40 13.95 7.47 14.39
N VAL A 41 14.00 8.65 13.78
CA VAL A 41 13.82 8.84 12.34
C VAL A 41 14.88 8.13 11.51
N GLU A 42 16.18 8.36 11.81
CA GLU A 42 17.24 7.72 11.03
C GLU A 42 17.25 6.21 11.19
N VAL A 43 16.77 5.66 12.31
CA VAL A 43 16.62 4.20 12.51
C VAL A 43 15.51 3.68 11.55
N ILE A 44 14.36 4.36 11.50
CA ILE A 44 13.22 4.03 10.63
C ILE A 44 13.70 3.97 9.18
N ARG A 45 14.42 5.02 8.74
CA ARG A 45 14.97 5.18 7.39
C ARG A 45 15.93 4.07 6.97
N THR A 46 16.81 3.64 7.87
CA THR A 46 17.79 2.59 7.64
C THR A 46 17.06 1.26 7.49
N LYS A 47 16.15 0.97 8.44
CA LYS A 47 15.36 -0.25 8.47
C LYS A 47 14.48 -0.41 7.24
N LEU A 48 13.80 0.67 6.80
CA LEU A 48 12.93 0.69 5.62
C LEU A 48 13.65 0.31 4.34
N VAL A 49 14.87 0.86 4.13
CA VAL A 49 15.69 0.55 2.94
C VAL A 49 16.11 -0.92 2.92
N LYS A 50 16.56 -1.47 4.06
CA LYS A 50 16.93 -2.89 4.19
C LYS A 50 15.72 -3.83 3.97
N LEU A 51 14.52 -3.44 4.43
CA LEU A 51 13.30 -4.23 4.24
C LEU A 51 12.90 -4.34 2.75
N ALA A 52 13.16 -3.28 1.96
CA ALA A 52 12.84 -3.14 0.53
C ALA A 52 13.86 -3.77 -0.41
N THR A 53 15.12 -3.93 0.03
CA THR A 53 16.23 -4.47 -0.79
C THR A 53 17.46 -4.96 -0.01
N LYS A 54 18.18 -5.95 -0.61
CA LYS A 54 19.43 -6.50 -0.09
C LYS A 54 20.58 -5.66 -0.65
N HIS A 55 20.28 -4.93 -1.74
CA HIS A 55 21.23 -4.16 -2.53
C HIS A 55 21.48 -2.72 -2.05
N SER A 56 22.57 -2.14 -2.57
CA SER A 56 23.03 -0.76 -2.37
C SER A 56 22.34 0.15 -3.42
N GLY A 57 22.56 1.45 -3.31
CA GLY A 57 22.00 2.45 -4.21
C GLY A 57 20.60 2.91 -3.85
N TYR A 58 20.05 2.43 -2.72
CA TYR A 58 18.70 2.86 -2.37
C TYR A 58 18.68 3.76 -1.13
N THR A 59 17.62 4.57 -1.00
CA THR A 59 17.40 5.55 0.06
C THR A 59 15.90 5.70 0.34
N SER A 60 15.57 6.24 1.52
CA SER A 60 14.18 6.46 1.93
C SER A 60 13.88 7.92 2.25
N VAL A 61 12.59 8.31 2.08
CA VAL A 61 12.05 9.66 2.36
C VAL A 61 10.75 9.40 3.05
N LEU A 62 10.52 10.11 4.14
CA LEU A 62 9.27 10.01 4.89
C LEU A 62 8.50 11.30 4.58
N MET A 63 7.19 11.17 4.32
CA MET A 63 6.36 12.31 3.95
C MET A 63 5.08 12.32 4.76
N GLN A 64 4.75 13.47 5.38
CA GLN A 64 3.56 13.67 6.21
C GLN A 64 2.29 13.55 5.34
N GLY A 65 1.19 13.17 5.95
CA GLY A 65 -0.10 13.08 5.27
C GLY A 65 -0.55 11.67 5.01
N SER A 66 -1.65 11.53 4.26
CA SER A 66 -2.16 10.22 3.82
C SER A 66 -1.11 9.58 2.89
N GLY A 67 -1.26 8.31 2.54
CA GLY A 67 -0.34 7.68 1.58
C GLY A 67 -0.39 8.30 0.18
N THR A 68 -1.60 8.80 -0.22
CA THR A 68 -1.83 9.52 -1.48
C THR A 68 -0.86 10.70 -1.62
N ALA A 69 -0.57 11.42 -0.51
CA ALA A 69 0.35 12.56 -0.50
C ALA A 69 1.77 12.15 -0.93
N SER A 70 2.21 10.92 -0.58
CA SER A 70 3.53 10.36 -0.92
C SER A 70 3.54 9.92 -2.40
N VAL A 71 2.38 9.45 -2.89
CA VAL A 71 2.15 9.09 -4.30
C VAL A 71 2.19 10.38 -5.13
N GLU A 72 1.58 11.45 -4.63
CA GLU A 72 1.59 12.74 -5.33
C GLU A 72 2.97 13.41 -5.30
N ALA A 73 3.73 13.19 -4.20
CA ALA A 73 5.08 13.70 -4.02
C ALA A 73 5.96 13.05 -5.07
N THR A 74 5.80 11.73 -5.28
CA THR A 74 6.59 10.99 -6.27
C THR A 74 6.28 11.45 -7.70
N ILE A 75 4.99 11.46 -8.11
CA ILE A 75 4.54 11.86 -9.43
C ILE A 75 5.02 13.28 -9.76
N GLY A 76 4.70 14.23 -8.87
CA GLY A 76 5.01 15.64 -9.05
C GLY A 76 6.46 16.03 -8.95
N SER A 77 7.32 15.16 -8.37
CA SER A 77 8.74 15.45 -8.20
C SER A 77 9.63 14.70 -9.21
N ALA A 78 9.31 13.43 -9.53
CA ALA A 78 10.11 12.61 -10.49
C ALA A 78 9.94 12.98 -11.96
N ILE A 79 8.71 13.32 -12.37
CA ILE A 79 8.40 13.63 -13.76
C ILE A 79 8.75 15.08 -14.07
N GLY A 80 9.52 15.27 -15.14
CA GLY A 80 9.91 16.59 -15.58
C GLY A 80 8.83 17.27 -16.40
N LYS A 81 9.06 18.55 -16.74
CA LYS A 81 8.21 19.40 -17.57
C LYS A 81 7.82 18.73 -18.89
N GLU A 82 8.77 18.04 -19.54
CA GLU A 82 8.53 17.41 -20.85
C GLU A 82 8.26 15.89 -20.78
N GLY A 83 7.89 15.41 -19.59
CA GLY A 83 7.63 14.00 -19.35
C GLY A 83 6.18 13.59 -19.49
N LYS A 84 5.96 12.28 -19.67
CA LYS A 84 4.64 11.68 -19.85
C LYS A 84 4.51 10.40 -19.04
N LEU A 85 3.35 10.19 -18.41
CA LEU A 85 3.06 9.01 -17.60
C LEU A 85 2.17 7.95 -18.31
N LEU A 86 2.52 6.67 -18.09
CA LEU A 86 1.76 5.49 -18.48
C LEU A 86 1.27 4.81 -17.18
N VAL A 87 -0.04 4.69 -17.01
CA VAL A 87 -0.58 4.05 -15.81
C VAL A 87 -1.39 2.80 -16.12
N VAL A 88 -1.22 1.78 -15.26
CA VAL A 88 -2.05 0.58 -15.23
C VAL A 88 -3.17 0.91 -14.22
N ASP A 89 -4.39 1.14 -14.74
CA ASP A 89 -5.61 1.45 -13.99
C ASP A 89 -6.59 0.26 -14.09
N ASN A 90 -6.60 -0.59 -13.07
CA ASN A 90 -7.51 -1.72 -12.95
C ASN A 90 -8.17 -1.71 -11.55
N GLY A 91 -8.34 -0.49 -11.04
CA GLY A 91 -8.95 -0.21 -9.75
C GLY A 91 -8.84 1.26 -9.39
N ALA A 92 -9.56 1.66 -8.35
CA ALA A 92 -9.62 3.06 -7.88
C ALA A 92 -8.27 3.72 -7.64
N TYR A 93 -7.27 2.94 -7.16
CA TYR A 93 -5.93 3.43 -6.85
C TYR A 93 -5.10 3.70 -8.07
N GLY A 94 -5.26 2.90 -9.13
CA GLY A 94 -4.60 3.12 -10.42
C GLY A 94 -5.19 4.36 -11.05
N ALA A 95 -6.54 4.50 -10.97
CA ALA A 95 -7.28 5.67 -11.45
C ALA A 95 -6.83 6.91 -10.70
N ARG A 96 -6.55 6.78 -9.37
CA ARG A 96 -6.08 7.92 -8.57
C ARG A 96 -4.70 8.45 -9.02
N ILE A 97 -3.81 7.55 -9.49
CA ILE A 97 -2.52 7.95 -10.08
C ILE A 97 -2.77 8.79 -11.38
N ALA A 98 -3.80 8.43 -12.18
CA ALA A 98 -4.15 9.20 -13.39
C ALA A 98 -4.71 10.57 -13.02
N GLN A 99 -5.55 10.60 -11.96
CA GLN A 99 -6.15 11.82 -11.42
C GLN A 99 -5.09 12.81 -10.89
N ILE A 100 -4.01 12.29 -10.25
CA ILE A 100 -2.88 13.09 -9.76
C ILE A 100 -2.20 13.76 -10.97
N ALA A 101 -1.88 12.94 -12.00
CA ALA A 101 -1.27 13.39 -13.25
C ALA A 101 -2.07 14.51 -13.89
N ASP A 102 -3.42 14.37 -13.95
CA ASP A 102 -4.32 15.39 -14.52
C ASP A 102 -4.22 16.70 -13.75
N TYR A 103 -4.24 16.66 -12.39
CA TYR A 103 -4.11 17.85 -11.52
C TYR A 103 -2.79 18.59 -11.79
N LEU A 104 -1.70 17.82 -11.93
CA LEU A 104 -0.35 18.33 -12.13
C LEU A 104 -0.03 18.66 -13.59
N ASN A 105 -1.04 18.57 -14.48
CA ASN A 105 -0.90 18.82 -15.93
C ASN A 105 0.26 18.00 -16.52
N ILE A 106 0.29 16.69 -16.18
CA ILE A 106 1.26 15.72 -16.68
C ILE A 106 0.56 14.82 -17.71
N PRO A 107 1.01 14.84 -19.00
CA PRO A 107 0.37 13.96 -20.00
C PRO A 107 0.32 12.51 -19.53
N CYS A 108 -0.86 11.91 -19.64
CA CYS A 108 -1.09 10.58 -19.08
C CYS A 108 -1.84 9.66 -20.04
N HIS A 109 -1.40 8.39 -20.10
CA HIS A 109 -1.97 7.33 -20.92
C HIS A 109 -2.34 6.18 -19.98
N ALA A 110 -3.65 6.02 -19.73
CA ALA A 110 -4.15 4.95 -18.89
C ALA A 110 -4.38 3.69 -19.73
N VAL A 111 -3.86 2.56 -19.23
CA VAL A 111 -3.98 1.22 -19.81
C VAL A 111 -4.88 0.48 -18.80
N SER A 112 -6.19 0.42 -19.13
CA SER A 112 -7.27 -0.11 -18.29
C SER A 112 -7.64 -1.57 -18.59
N PRO A 113 -7.06 -2.55 -17.85
CA PRO A 113 -7.33 -3.97 -18.15
C PRO A 113 -8.60 -4.57 -17.53
N GLY A 114 -9.36 -3.78 -16.77
CA GLY A 114 -10.58 -4.25 -16.12
C GLY A 114 -10.29 -4.70 -14.71
N GLU A 115 -11.22 -4.41 -13.79
CA GLU A 115 -11.11 -4.68 -12.36
C GLU A 115 -11.00 -6.17 -11.97
N THR A 116 -11.61 -7.09 -12.72
CA THR A 116 -11.60 -8.53 -12.37
C THR A 116 -10.57 -9.38 -13.16
N SER A 117 -9.69 -8.72 -13.94
CA SER A 117 -8.66 -9.42 -14.71
C SER A 117 -7.29 -8.74 -14.53
N GLN A 118 -6.22 -9.57 -14.53
CA GLN A 118 -4.83 -9.13 -14.38
C GLN A 118 -4.36 -8.42 -15.64
N PRO A 119 -3.58 -7.32 -15.49
CA PRO A 119 -3.12 -6.57 -16.67
C PRO A 119 -2.47 -7.38 -17.77
N HIS A 120 -3.02 -7.28 -18.98
CA HIS A 120 -2.49 -7.94 -20.18
C HIS A 120 -1.28 -7.08 -20.56
N LEU A 121 -0.06 -7.63 -20.41
CA LEU A 121 1.18 -6.90 -20.72
C LEU A 121 1.29 -6.56 -22.21
N ASN A 122 0.33 -7.08 -23.01
CA ASN A 122 0.13 -6.88 -24.44
C ASN A 122 -0.17 -5.39 -24.69
N GLU A 123 -1.15 -4.81 -23.94
CA GLU A 123 -1.58 -3.40 -23.99
C GLU A 123 -0.42 -2.49 -23.60
N VAL A 124 0.30 -2.87 -22.52
CA VAL A 124 1.46 -2.18 -21.92
C VAL A 124 2.58 -2.08 -22.96
N GLU A 125 3.02 -3.23 -23.52
CA GLU A 125 4.08 -3.31 -24.53
C GLU A 125 3.67 -2.56 -25.81
N THR A 126 2.36 -2.53 -26.12
CA THR A 126 1.83 -1.82 -27.29
C THR A 126 1.87 -0.32 -27.02
N ALA A 127 1.51 0.11 -25.80
CA ALA A 127 1.58 1.51 -25.40
C ALA A 127 3.03 2.00 -25.41
N LEU A 128 3.97 1.17 -24.92
CA LEU A 128 5.41 1.51 -24.86
C LEU A 128 6.07 1.58 -26.23
N ALA A 129 5.52 0.86 -27.24
CA ALA A 129 6.03 0.83 -28.61
C ALA A 129 5.42 1.93 -29.49
N SER A 130 4.13 2.26 -29.27
CA SER A 130 3.39 3.29 -30.02
C SER A 130 3.59 4.71 -29.44
N ASP A 131 3.87 4.80 -28.12
CA ASP A 131 4.06 6.07 -27.43
C ASP A 131 5.49 6.24 -26.86
N PRO A 132 6.42 6.77 -27.69
CA PRO A 132 7.81 6.99 -27.21
C PRO A 132 7.95 8.24 -26.33
N ALA A 133 6.88 9.04 -26.19
CA ALA A 133 6.82 10.26 -25.38
C ALA A 133 6.77 9.96 -23.87
N ILE A 134 6.39 8.70 -23.52
CA ILE A 134 6.31 8.18 -22.14
C ILE A 134 7.71 8.23 -21.53
N THR A 135 7.81 8.72 -20.30
CA THR A 135 9.09 8.80 -19.60
C THR A 135 9.05 7.95 -18.34
N HIS A 136 7.83 7.82 -17.79
CA HIS A 136 7.57 7.12 -16.54
C HIS A 136 6.38 6.18 -16.66
N VAL A 137 6.42 5.05 -15.94
CA VAL A 137 5.32 4.08 -15.86
C VAL A 137 4.93 3.88 -14.38
N ALA A 138 3.64 3.76 -14.08
CA ALA A 138 3.19 3.56 -12.69
C ALA A 138 2.27 2.35 -12.56
N ILE A 139 2.49 1.53 -11.53
CA ILE A 139 1.62 0.36 -11.25
C ILE A 139 1.36 0.18 -9.76
N VAL A 140 0.16 -0.30 -9.44
CA VAL A 140 -0.28 -0.59 -8.07
C VAL A 140 0.04 -2.07 -7.85
N HIS A 141 0.83 -2.37 -6.79
CA HIS A 141 1.19 -3.75 -6.46
C HIS A 141 -0.05 -4.58 -6.09
N CYS A 142 -0.81 -4.17 -5.09
CA CYS A 142 -2.03 -4.84 -4.69
C CYS A 142 -3.15 -3.82 -4.85
N GLU A 143 -4.10 -4.07 -5.80
CA GLU A 143 -5.25 -3.18 -6.00
C GLU A 143 -6.27 -3.46 -4.90
N THR A 144 -6.10 -2.76 -3.77
CA THR A 144 -6.85 -2.86 -2.51
C THR A 144 -8.39 -2.78 -2.69
N THR A 145 -8.85 -2.12 -3.76
CA THR A 145 -10.24 -2.02 -4.25
C THR A 145 -10.84 -3.45 -4.37
N THR A 146 -10.07 -4.39 -4.98
CA THR A 146 -10.53 -5.76 -5.25
C THR A 146 -9.77 -6.82 -4.47
N GLY A 147 -8.57 -6.47 -4.04
CA GLY A 147 -7.65 -7.37 -3.37
C GLY A 147 -6.77 -8.07 -4.39
N MET A 148 -6.81 -7.61 -5.65
CA MET A 148 -6.00 -8.19 -6.72
C MET A 148 -4.51 -7.95 -6.57
N LEU A 149 -3.72 -8.99 -6.84
CA LEU A 149 -2.27 -8.93 -6.84
C LEU A 149 -1.83 -8.78 -8.31
N ASN A 150 -1.35 -7.59 -8.68
CA ASN A 150 -0.89 -7.29 -10.03
C ASN A 150 0.51 -7.86 -10.30
N PRO A 151 0.83 -8.27 -11.56
CA PRO A 151 2.17 -8.81 -11.84
C PRO A 151 3.14 -7.67 -12.12
N ILE A 152 3.75 -7.24 -11.05
CA ILE A 152 4.66 -6.09 -11.08
C ILE A 152 5.99 -6.43 -11.75
N GLU A 153 6.46 -7.70 -11.65
CA GLU A 153 7.75 -8.12 -12.21
C GLU A 153 7.78 -8.01 -13.72
N ALA A 154 6.82 -8.64 -14.41
CA ALA A 154 6.72 -8.63 -15.86
C ALA A 154 6.52 -7.22 -16.41
N PHE A 155 5.75 -6.42 -15.68
CA PHE A 155 5.43 -5.03 -16.00
C PHE A 155 6.64 -4.11 -15.91
N ALA A 156 7.39 -4.17 -14.78
CA ALA A 156 8.57 -3.31 -14.56
C ALA A 156 9.71 -3.66 -15.51
N SER A 157 9.80 -4.95 -15.93
CA SER A 157 10.81 -5.45 -16.88
C SER A 157 10.63 -4.86 -18.29
N ALA A 158 9.35 -4.71 -18.73
CA ALA A 158 8.95 -4.15 -20.02
C ALA A 158 9.24 -2.66 -20.06
N ALA A 159 9.13 -2.01 -18.89
CA ALA A 159 9.39 -0.59 -18.69
C ALA A 159 10.89 -0.31 -18.71
N LYS A 160 11.70 -1.14 -18.02
CA LYS A 160 13.17 -1.01 -18.00
C LYS A 160 13.76 -1.25 -19.40
N ALA A 161 13.11 -2.15 -20.18
CA ALA A 161 13.48 -2.47 -21.56
C ALA A 161 13.27 -1.25 -22.46
N HIS A 162 12.24 -0.44 -22.17
CA HIS A 162 11.95 0.77 -22.93
C HIS A 162 12.63 2.05 -22.34
N GLY A 163 13.50 1.87 -21.34
CA GLY A 163 14.25 2.93 -20.69
C GLY A 163 13.36 3.96 -20.01
N LYS A 164 12.34 3.50 -19.30
CA LYS A 164 11.39 4.34 -18.58
C LYS A 164 11.60 4.20 -17.09
N VAL A 165 11.25 5.26 -16.32
CA VAL A 165 11.33 5.24 -14.87
C VAL A 165 10.08 4.50 -14.34
N VAL A 166 10.28 3.59 -13.37
CA VAL A 166 9.24 2.74 -12.78
C VAL A 166 8.82 3.26 -11.39
N ILE A 167 7.52 3.52 -11.23
CA ILE A 167 6.92 3.96 -9.96
C ILE A 167 5.96 2.87 -9.49
N LEU A 168 6.19 2.36 -8.27
CA LEU A 168 5.36 1.30 -7.70
C LEU A 168 4.58 1.80 -6.51
N ASP A 169 3.23 1.73 -6.59
CA ASP A 169 2.40 2.02 -5.44
C ASP A 169 2.29 0.65 -4.69
N ALA A 170 3.12 0.48 -3.66
CA ALA A 170 3.15 -0.74 -2.85
C ALA A 170 2.50 -0.46 -1.48
N MET A 171 1.55 0.46 -1.44
CA MET A 171 0.87 0.89 -0.23
C MET A 171 0.26 -0.25 0.64
N SER A 172 -0.44 -1.19 -0.02
CA SER A 172 -1.08 -2.30 0.70
C SER A 172 -0.30 -3.61 0.68
N SER A 173 0.89 -3.62 0.03
CA SER A 173 1.74 -4.79 -0.13
C SER A 173 3.08 -4.75 0.61
N PHE A 174 3.79 -3.61 0.67
CA PHE A 174 5.09 -3.56 1.37
C PHE A 174 4.99 -3.85 2.87
N GLY A 175 5.77 -4.85 3.31
CA GLY A 175 5.82 -5.35 4.68
C GLY A 175 5.08 -6.65 4.87
N GLY A 176 4.25 -7.02 3.90
CA GLY A 176 3.43 -8.22 3.95
C GLY A 176 3.59 -9.15 2.77
N ILE A 177 4.25 -8.68 1.68
CA ILE A 177 4.52 -9.45 0.47
C ILE A 177 6.01 -9.27 0.14
N PRO A 178 6.82 -10.35 0.12
CA PRO A 178 8.27 -10.20 -0.17
C PRO A 178 8.58 -9.63 -1.55
N ILE A 179 9.36 -8.54 -1.57
CA ILE A 179 9.79 -7.86 -2.78
C ILE A 179 11.13 -7.22 -2.56
N ASP A 180 12.00 -7.33 -3.58
CA ASP A 180 13.30 -6.67 -3.61
C ASP A 180 13.16 -5.69 -4.77
N ILE A 181 13.01 -4.40 -4.43
CA ILE A 181 12.76 -3.34 -5.41
C ILE A 181 13.94 -3.09 -6.36
N ALA A 182 15.18 -3.42 -5.93
CA ALA A 182 16.35 -3.28 -6.80
C ALA A 182 16.32 -4.36 -7.88
N GLU A 183 16.05 -5.62 -7.48
CA GLU A 183 15.98 -6.77 -8.39
C GLU A 183 14.83 -6.62 -9.39
N LEU A 184 13.65 -6.17 -8.95
CA LEU A 184 12.48 -5.96 -9.82
C LEU A 184 12.61 -4.71 -10.71
N GLY A 185 13.61 -3.86 -10.45
CA GLY A 185 13.84 -2.64 -11.21
C GLY A 185 12.85 -1.52 -10.91
N ILE A 186 12.45 -1.38 -9.63
CA ILE A 186 11.55 -0.31 -9.19
C ILE A 186 12.42 0.90 -8.85
N ASP A 187 12.08 2.09 -9.39
CA ASP A 187 12.84 3.32 -9.12
C ASP A 187 12.32 4.08 -7.91
N PHE A 188 10.99 4.07 -7.71
CA PHE A 188 10.31 4.72 -6.58
C PHE A 188 9.22 3.77 -6.09
N MET A 189 9.36 3.31 -4.85
CA MET A 189 8.40 2.42 -4.19
C MET A 189 7.74 3.21 -3.07
N ILE A 190 6.43 3.36 -3.18
CA ILE A 190 5.66 4.13 -2.21
C ILE A 190 4.90 3.19 -1.31
N SER A 191 4.90 3.48 -0.02
CA SER A 191 4.13 2.69 0.93
C SER A 191 3.69 3.51 2.16
N SER A 192 2.84 2.88 2.98
CA SER A 192 2.13 3.39 4.13
C SER A 192 2.73 2.97 5.47
N ALA A 193 2.50 3.82 6.47
CA ALA A 193 2.84 3.56 7.86
C ALA A 193 1.84 2.56 8.45
N ASN A 194 0.60 2.51 7.94
CA ASN A 194 -0.50 1.80 8.59
C ASN A 194 -1.16 0.60 7.87
N CYS A 196 0.51 -3.14 5.94
CA CYS A 196 1.28 -4.35 6.31
C CYS A 196 2.34 -4.11 7.40
N ILE A 197 2.98 -2.91 7.49
CA ILE A 197 3.96 -2.62 8.55
C ILE A 197 3.26 -2.53 9.92
N GLN A 198 1.95 -2.21 9.96
CA GLN A 198 1.08 -2.24 11.16
C GLN A 198 1.26 -1.06 12.14
N GLY A 199 1.77 0.07 11.65
CA GLY A 199 1.83 1.28 12.47
C GLY A 199 0.48 1.99 12.42
N VAL A 200 0.47 3.26 12.79
CA VAL A 200 -0.78 4.05 12.77
C VAL A 200 -0.67 5.07 11.63
N PRO A 201 -1.80 5.65 11.13
CA PRO A 201 -1.67 6.64 10.05
C PRO A 201 -1.04 7.94 10.58
N GLY A 202 -0.61 8.78 9.64
CA GLY A 202 -0.03 10.09 9.89
C GLY A 202 0.99 10.46 8.84
N PHE A 203 1.63 9.47 8.20
CA PHE A 203 2.67 9.71 7.18
C PHE A 203 2.79 8.50 6.31
N GLY A 204 3.54 8.66 5.22
CA GLY A 204 3.87 7.61 4.26
C GLY A 204 5.34 7.74 3.94
N PHE A 205 5.83 6.94 3.00
CA PHE A 205 7.23 6.98 2.64
C PHE A 205 7.51 6.50 1.23
N VAL A 206 8.67 6.90 0.70
CA VAL A 206 9.14 6.52 -0.62
C VAL A 206 10.53 5.90 -0.49
N ILE A 207 10.72 4.66 -0.99
CA ILE A 207 12.02 4.02 -1.06
C ILE A 207 12.43 4.06 -2.52
N ALA A 208 13.48 4.85 -2.81
CA ALA A 208 13.89 5.14 -4.15
C ALA A 208 15.35 4.86 -4.46
N LYS A 209 15.66 4.64 -5.76
CA LYS A 209 17.02 4.48 -6.29
C LYS A 209 17.64 5.86 -6.19
N LYS A 210 18.74 5.98 -5.41
CA LYS A 210 19.44 7.23 -5.10
C LYS A 210 19.76 8.08 -6.34
N THR A 211 20.17 7.45 -7.46
CA THR A 211 20.45 8.17 -8.72
C THR A 211 19.15 8.78 -9.30
N GLU A 212 18.02 8.04 -9.21
CA GLU A 212 16.71 8.51 -9.70
C GLU A 212 16.12 9.62 -8.85
N LEU A 213 16.26 9.54 -7.49
CA LEU A 213 15.80 10.57 -6.54
C LEU A 213 16.55 11.90 -6.72
N GLU A 214 17.87 11.84 -6.96
CA GLU A 214 18.71 13.02 -7.19
C GLU A 214 18.24 13.87 -8.40
N LYS A 215 17.60 13.23 -9.41
CA LYS A 215 17.05 13.86 -10.61
C LYS A 215 15.79 14.73 -10.34
N CYS A 216 15.10 14.48 -9.20
CA CYS A 216 13.89 15.19 -8.73
C CYS A 216 14.14 16.66 -8.32
N GLN A 217 15.40 17.02 -7.99
CA GLN A 217 15.82 18.35 -7.54
C GLN A 217 15.46 19.47 -8.50
N GLY A 218 14.68 20.42 -7.99
CA GLY A 218 14.15 21.56 -8.71
C GLY A 218 12.97 21.25 -9.62
N GLN A 219 12.51 19.97 -9.67
CA GLN A 219 11.40 19.57 -10.56
C GLN A 219 10.04 19.55 -9.89
N ALA A 220 10.01 19.64 -8.55
CA ALA A 220 8.79 19.54 -7.75
C ALA A 220 7.75 20.64 -8.03
N ARG A 221 6.47 20.21 -7.98
CA ARG A 221 5.24 20.96 -8.22
C ARG A 221 4.58 21.38 -6.92
N SER A 222 5.18 21.00 -5.79
CA SER A 222 4.61 21.33 -4.51
C SER A 222 5.72 21.52 -3.52
N LEU A 223 5.57 22.49 -2.60
CA LEU A 223 6.57 22.68 -1.54
C LEU A 223 6.49 21.55 -0.53
N SER A 224 5.29 21.30 0.01
CA SER A 224 5.09 20.22 1.00
C SER A 224 5.44 18.86 0.41
N LEU A 225 5.11 18.64 -0.88
CA LEU A 225 5.31 17.34 -1.53
C LEU A 225 6.63 17.31 -2.35
N ASP A 226 7.61 18.18 -2.02
CA ASP A 226 8.91 18.22 -2.73
C ASP A 226 9.78 17.08 -2.18
N LEU A 227 9.81 15.97 -2.93
CA LEU A 227 10.48 14.74 -2.55
C LEU A 227 11.97 14.91 -2.32
N TYR A 228 12.68 15.61 -3.24
CA TYR A 228 14.12 15.83 -3.09
C TYR A 228 14.40 16.72 -1.89
N ASP A 229 13.73 17.88 -1.82
CA ASP A 229 13.96 18.83 -0.73
C ASP A 229 13.76 18.14 0.65
N GLN A 230 12.71 17.29 0.78
CA GLN A 230 12.43 16.51 2.01
C GLN A 230 13.56 15.53 2.30
N TRP A 231 13.98 14.78 1.28
CA TRP A 231 15.04 13.79 1.35
C TRP A 231 16.38 14.42 1.74
N HIS A 232 16.76 15.51 1.06
CA HIS A 232 18.00 16.25 1.26
C HIS A 232 18.11 16.86 2.69
N CYS A 233 16.99 17.33 3.25
CA CYS A 233 16.97 17.84 4.61
C CYS A 233 17.21 16.71 5.59
N MET A 234 16.56 15.54 5.36
CA MET A 234 16.72 14.35 6.19
C MET A 234 18.14 13.83 6.08
N GLU A 235 18.76 13.88 4.88
CA GLU A 235 20.15 13.47 4.67
C GLU A 235 21.14 14.41 5.36
N VAL A 236 21.10 15.72 5.08
CA VAL A 236 22.14 16.62 5.62
C VAL A 236 21.89 16.99 7.09
N ASN A 237 20.65 17.00 7.54
CA ASN A 237 20.32 17.34 8.93
C ASN A 237 19.97 16.09 9.76
N HIS A 238 20.36 14.91 9.26
CA HIS A 238 20.24 13.60 9.91
C HIS A 238 18.89 13.32 10.56
N GLY A 239 17.88 13.07 9.73
CA GLY A 239 16.52 12.73 10.15
C GLY A 239 15.53 13.86 10.28
N LYS A 240 15.99 15.12 10.22
CA LYS A 240 15.15 16.30 10.35
C LYS A 240 14.12 16.39 9.24
N TRP A 241 12.84 16.55 9.61
CA TRP A 241 11.73 16.75 8.68
C TRP A 241 11.68 18.27 8.47
N ARG A 242 11.47 18.75 7.24
CA ARG A 242 11.47 20.18 6.97
C ARG A 242 10.45 20.91 7.80
N PHE A 243 9.25 20.34 7.88
CA PHE A 243 8.12 20.88 8.62
C PHE A 243 7.71 19.81 9.62
N THR A 244 6.91 20.18 10.62
CA THR A 244 6.41 19.30 11.68
C THR A 244 6.01 17.94 11.16
N SER A 245 6.55 16.92 11.83
CA SER A 245 6.31 15.50 11.58
C SER A 245 5.31 15.03 12.62
N PRO A 246 4.46 14.01 12.30
CA PRO A 246 3.52 13.52 13.33
C PRO A 246 4.28 12.58 14.29
N THR A 247 5.09 13.20 15.18
CA THR A 247 6.00 12.59 16.14
C THR A 247 5.49 11.28 16.79
N HIS A 248 4.29 11.32 17.37
CA HIS A 248 3.70 10.18 18.08
C HIS A 248 3.53 8.97 17.16
N THR A 249 3.00 9.21 15.93
CA THR A 249 2.80 8.19 14.90
C THR A 249 4.15 7.60 14.35
N VAL A 250 5.19 8.44 14.27
CA VAL A 250 6.54 8.06 13.87
C VAL A 250 7.14 7.10 14.95
N ARG A 251 6.91 7.41 16.27
CA ARG A 251 7.36 6.54 17.39
C ARG A 251 6.61 5.19 17.37
N ALA A 252 5.30 5.23 17.05
CA ALA A 252 4.44 4.06 16.89
C ALA A 252 5.00 3.18 15.74
N PHE A 253 5.41 3.82 14.62
CA PHE A 253 6.02 3.13 13.48
C PHE A 253 7.36 2.44 13.81
N TYR A 254 8.19 3.10 14.64
CA TYR A 254 9.48 2.57 15.12
C TYR A 254 9.21 1.26 15.92
N GLN A 255 8.11 1.25 16.71
CA GLN A 255 7.67 0.09 17.47
C GLN A 255 7.18 -1.01 16.55
N ALA A 256 6.33 -0.65 15.56
CA ALA A 256 5.82 -1.57 14.55
C ALA A 256 6.97 -2.28 13.80
N LEU A 257 8.10 -1.58 13.51
CA LEU A 257 9.30 -2.17 12.86
C LEU A 257 9.94 -3.23 13.74
N LEU A 258 10.09 -2.93 15.05
CA LEU A 258 10.62 -3.86 16.06
C LEU A 258 9.74 -5.11 16.14
N GLU A 259 8.40 -4.93 16.08
CA GLU A 259 7.48 -6.07 16.12
C GLU A 259 7.52 -6.91 14.85
N LEU A 260 7.88 -6.30 13.69
CA LEU A 260 8.06 -6.98 12.40
C LEU A 260 9.32 -7.84 12.45
N GLU A 261 10.39 -7.34 13.09
CA GLU A 261 11.65 -8.08 13.29
C GLU A 261 11.42 -9.27 14.22
N GLN A 262 10.64 -9.05 15.30
CA GLN A 262 10.32 -10.04 16.34
C GLN A 262 9.36 -11.14 15.80
N GLU A 263 8.62 -10.88 14.70
CA GLU A 263 7.76 -11.90 14.09
C GLU A 263 8.61 -12.84 13.19
N GLY A 264 9.76 -12.34 12.73
CA GLY A 264 10.67 -13.00 11.80
C GLY A 264 10.70 -12.31 10.43
N GLY A 265 10.35 -11.02 10.40
CA GLY A 265 10.36 -10.21 9.18
C GLY A 265 9.21 -10.44 8.24
N ILE A 266 9.32 -9.87 7.03
CA ILE A 266 8.31 -9.90 5.97
C ILE A 266 7.95 -11.35 5.59
N GLU A 267 8.95 -12.27 5.39
CA GLU A 267 8.66 -13.68 5.05
C GLU A 267 7.72 -14.36 6.05
N ALA A 268 7.92 -14.11 7.36
CA ALA A 268 7.09 -14.62 8.45
C ALA A 268 5.67 -13.97 8.41
N ARG A 269 5.59 -12.61 8.26
CA ARG A 269 4.34 -11.83 8.17
C ARG A 269 3.50 -12.25 6.93
N HIS A 270 4.19 -12.47 5.80
CA HIS A 270 3.61 -12.94 4.55
C HIS A 270 2.97 -14.30 4.74
N ASN A 271 3.64 -15.21 5.46
CA ASN A 271 3.09 -16.54 5.72
C ASN A 271 1.82 -16.47 6.57
N ARG A 272 1.81 -15.62 7.63
CA ARG A 272 0.65 -15.43 8.50
C ARG A 272 -0.51 -14.82 7.70
N TYR A 273 -0.22 -13.85 6.81
CA TYR A 273 -1.22 -13.21 5.96
C TYR A 273 -1.79 -14.20 4.98
N GLN A 274 -0.91 -14.93 4.25
CA GLN A 274 -1.24 -15.97 3.27
C GLN A 274 -2.16 -17.04 3.88
N THR A 275 -1.88 -17.47 5.15
CA THR A 275 -2.66 -18.48 5.87
C THR A 275 -4.04 -17.92 6.26
N ASN A 276 -4.08 -16.66 6.70
CA ASN A 276 -5.30 -15.96 7.09
C ASN A 276 -6.23 -15.86 5.87
N GLN A 277 -5.69 -15.41 4.73
CA GLN A 277 -6.43 -15.21 3.48
C GLN A 277 -6.97 -16.50 2.88
N LYS A 278 -6.16 -17.58 2.89
CA LYS A 278 -6.58 -18.88 2.35
C LYS A 278 -7.62 -19.55 3.24
N THR A 279 -7.44 -19.49 4.57
CA THR A 279 -8.40 -20.02 5.56
C THR A 279 -9.74 -19.25 5.46
N LEU A 280 -9.66 -17.90 5.28
CA LEU A 280 -10.81 -17.00 5.10
C LEU A 280 -11.62 -17.37 3.86
N VAL A 281 -10.96 -17.46 2.68
CA VAL A 281 -11.59 -17.84 1.39
C VAL A 281 -12.25 -19.23 1.52
N ALA A 282 -11.53 -20.22 2.13
CA ALA A 282 -12.07 -21.56 2.31
C ALA A 282 -13.33 -21.56 3.19
N GLY A 283 -13.29 -20.83 4.30
CA GLY A 283 -14.42 -20.73 5.22
C GLY A 283 -15.62 -19.99 4.64
N MET A 284 -15.37 -18.90 3.88
CA MET A 284 -16.40 -18.08 3.25
C MET A 284 -17.13 -18.86 2.19
N ARG A 285 -16.41 -19.73 1.45
CA ARG A 285 -16.96 -20.61 0.41
C ARG A 285 -17.87 -21.67 1.01
N SER A 286 -17.58 -22.08 2.26
CA SER A 286 -18.37 -23.11 2.97
C SER A 286 -19.70 -22.51 3.43
N LEU A 287 -19.77 -21.18 3.51
CA LEU A 287 -20.95 -20.43 3.90
C LEU A 287 -21.75 -19.93 2.70
N GLY A 288 -21.32 -20.31 1.50
CA GLY A 288 -22.01 -19.96 0.26
C GLY A 288 -21.56 -18.68 -0.44
N PHE A 289 -20.63 -17.91 0.18
CA PHE A 289 -20.08 -16.67 -0.39
C PHE A 289 -19.12 -16.99 -1.52
N GLU A 290 -19.01 -16.09 -2.49
CA GLU A 290 -18.14 -16.29 -3.63
C GLU A 290 -17.13 -15.16 -3.74
N PRO A 291 -15.82 -15.45 -3.89
CA PRO A 291 -14.85 -14.37 -4.08
C PRO A 291 -15.10 -13.66 -5.42
N LEU A 292 -14.86 -12.34 -5.48
CA LEU A 292 -15.02 -11.54 -6.70
C LEU A 292 -14.03 -11.96 -7.80
N LEU A 293 -12.78 -12.24 -7.42
CA LEU A 293 -11.74 -12.65 -8.35
C LEU A 293 -11.44 -14.13 -8.23
N SER A 294 -10.86 -14.71 -9.32
CA SER A 294 -10.42 -16.10 -9.30
C SER A 294 -9.17 -16.15 -8.42
N ASP A 295 -9.05 -17.22 -7.60
CA ASP A 295 -8.00 -17.46 -6.59
C ASP A 295 -6.57 -17.17 -7.05
N ASP A 296 -6.27 -17.37 -8.35
CA ASP A 296 -4.93 -17.11 -8.91
C ASP A 296 -4.57 -15.61 -8.87
N LEU A 297 -5.60 -14.73 -8.75
CA LEU A 297 -5.45 -13.27 -8.72
C LEU A 297 -5.50 -12.66 -7.32
N HIS A 298 -5.89 -13.48 -6.32
CA HIS A 298 -6.01 -13.12 -4.91
C HIS A 298 -4.67 -12.75 -4.31
N SER A 299 -4.65 -11.65 -3.54
CA SER A 299 -3.47 -11.21 -2.78
C SER A 299 -3.66 -11.75 -1.36
N PRO A 300 -2.59 -11.84 -0.53
CA PRO A 300 -2.79 -12.32 0.85
C PRO A 300 -3.20 -11.20 1.81
N ILE A 301 -3.68 -10.05 1.28
CA ILE A 301 -3.96 -8.84 2.07
C ILE A 301 -5.45 -8.59 2.36
N ILE A 302 -6.27 -8.60 1.32
CA ILE A 302 -7.69 -8.26 1.42
C ILE A 302 -8.43 -9.00 0.32
N THR A 303 -9.61 -9.53 0.64
CA THR A 303 -10.40 -10.28 -0.31
C THR A 303 -11.75 -9.64 -0.50
N SER A 304 -12.16 -9.57 -1.76
CA SER A 304 -13.44 -9.08 -2.21
C SER A 304 -14.33 -10.30 -2.42
N PHE A 305 -15.56 -10.20 -1.94
CA PHE A 305 -16.58 -11.23 -1.99
C PHE A 305 -17.86 -10.60 -2.54
N TYR A 306 -18.62 -11.35 -3.34
CA TYR A 306 -19.87 -10.87 -3.90
C TYR A 306 -20.90 -10.78 -2.81
N SER A 307 -21.71 -9.71 -2.85
CA SER A 307 -22.80 -9.51 -1.91
C SER A 307 -23.89 -10.57 -2.19
N PRO A 308 -24.40 -11.25 -1.14
CA PRO A 308 -25.46 -12.26 -1.36
C PRO A 308 -26.67 -11.71 -2.14
N THR A 309 -27.06 -12.43 -3.20
CA THR A 309 -28.15 -12.09 -4.12
C THR A 309 -29.54 -12.03 -3.45
N HIS A 310 -29.66 -12.52 -2.19
CA HIS A 310 -30.90 -12.52 -1.43
C HIS A 310 -31.47 -11.10 -1.25
N SER A 311 -32.79 -10.93 -1.50
CA SER A 311 -33.50 -9.65 -1.39
C SER A 311 -33.42 -9.01 0.01
N ASP A 312 -33.28 -9.85 1.06
CA ASP A 312 -33.15 -9.40 2.45
C ASP A 312 -31.75 -8.90 2.77
N TYR A 313 -30.73 -9.23 1.93
CA TYR A 313 -29.36 -8.80 2.17
C TYR A 313 -29.15 -7.28 2.02
N GLN A 314 -28.47 -6.71 3.01
CA GLN A 314 -28.09 -5.30 3.10
C GLN A 314 -26.74 -5.27 3.80
N PHE A 315 -25.75 -4.60 3.20
CA PHE A 315 -24.41 -4.49 3.78
C PHE A 315 -24.41 -3.89 5.17
N LYS A 316 -25.07 -2.74 5.35
CA LYS A 316 -25.11 -2.02 6.62
C LYS A 316 -25.64 -2.90 7.76
N ALA A 317 -26.68 -3.73 7.48
CA ALA A 317 -27.30 -4.66 8.43
C ALA A 317 -26.37 -5.82 8.78
N PHE A 318 -25.69 -6.39 7.76
CA PHE A 318 -24.72 -7.47 7.88
C PHE A 318 -23.48 -6.98 8.64
N TYR A 319 -23.01 -5.77 8.32
CA TYR A 319 -21.90 -5.06 8.93
C TYR A 319 -22.15 -4.84 10.44
N THR A 320 -23.35 -4.34 10.79
CA THR A 320 -23.79 -4.05 12.17
C THR A 320 -23.87 -5.33 13.00
N ARG A 321 -24.45 -6.42 12.45
CA ARG A 321 -24.54 -7.72 13.13
C ARG A 321 -23.16 -8.33 13.39
N LEU A 322 -22.20 -8.09 12.49
CA LEU A 322 -20.82 -8.56 12.64
C LEU A 322 -20.08 -7.74 13.68
N LYS A 323 -20.32 -6.40 13.74
CA LYS A 323 -19.71 -5.51 14.72
C LYS A 323 -20.06 -5.98 16.14
N GLU A 324 -21.32 -6.35 16.36
CA GLU A 324 -21.87 -6.88 17.62
C GLU A 324 -21.07 -8.08 18.15
N GLN A 325 -20.52 -8.88 17.21
CA GLN A 325 -19.70 -10.05 17.47
C GLN A 325 -18.19 -9.74 17.57
N GLY A 326 -17.85 -8.45 17.43
CA GLY A 326 -16.50 -7.93 17.56
C GLY A 326 -15.65 -7.86 16.31
N PHE A 327 -16.27 -7.89 15.11
CA PHE A 327 -15.55 -7.84 13.85
C PHE A 327 -16.04 -6.71 12.98
N VAL A 328 -15.10 -5.89 12.49
CA VAL A 328 -15.40 -4.78 11.59
C VAL A 328 -14.95 -5.15 10.18
N ILE A 329 -15.90 -5.40 9.29
CA ILE A 329 -15.58 -5.72 7.91
C ILE A 329 -15.57 -4.41 7.11
N TYR A 330 -15.36 -4.48 5.80
CA TYR A 330 -15.21 -3.29 4.98
C TYR A 330 -16.14 -3.27 3.73
N PRO A 331 -16.66 -2.08 3.31
CA PRO A 331 -17.51 -2.05 2.10
C PRO A 331 -16.67 -2.30 0.83
N GLY A 332 -17.34 -2.74 -0.24
CA GLY A 332 -16.71 -3.04 -1.52
C GLY A 332 -16.51 -1.78 -2.35
N LYS A 333 -15.41 -1.72 -3.11
CA LYS A 333 -15.12 -0.51 -3.88
C LYS A 333 -15.14 -0.74 -5.40
N VAL A 334 -15.64 -1.94 -5.78
CA VAL A 334 -15.70 -2.40 -7.17
C VAL A 334 -16.80 -1.70 -7.90
N SER A 335 -16.43 -1.05 -9.02
CA SER A 335 -17.27 -0.20 -9.86
C SER A 335 -18.44 -0.88 -10.53
N ASN A 336 -18.21 -2.10 -11.05
CA ASN A 336 -19.22 -2.83 -11.81
C ASN A 336 -19.57 -4.18 -11.15
N ALA A 337 -19.65 -4.18 -9.81
CA ALA A 337 -19.96 -5.31 -8.92
C ALA A 337 -20.42 -4.86 -7.53
N ASP A 338 -21.46 -5.53 -7.00
CA ASP A 338 -21.98 -5.35 -5.66
C ASP A 338 -21.12 -6.29 -4.80
N CYS A 339 -20.19 -5.71 -4.02
CA CYS A 339 -19.23 -6.42 -3.19
C CYS A 339 -19.05 -5.86 -1.75
N PHE A 340 -18.28 -6.61 -0.94
CA PHE A 340 -17.77 -6.25 0.37
C PHE A 340 -16.38 -6.86 0.45
N ARG A 341 -15.53 -6.34 1.34
CA ARG A 341 -14.18 -6.83 1.52
C ARG A 341 -13.95 -7.24 2.91
N ILE A 342 -12.98 -8.14 3.11
CA ILE A 342 -12.51 -8.56 4.42
C ILE A 342 -10.99 -8.52 4.38
N GLY A 343 -10.37 -7.63 5.17
CA GLY A 343 -8.92 -7.58 5.26
C GLY A 343 -8.45 -8.64 6.23
N ASN A 344 -7.18 -9.05 6.13
CA ASN A 344 -6.71 -10.02 7.14
C ASN A 344 -5.35 -9.59 7.70
N ILE A 345 -5.09 -8.26 7.69
CA ILE A 345 -3.83 -7.62 8.11
C ILE A 345 -3.98 -6.92 9.49
N GLY A 346 -2.84 -6.70 10.15
CA GLY A 346 -2.84 -6.16 11.50
C GLY A 346 -2.80 -7.31 12.50
N GLU A 347 -3.46 -7.13 13.64
CA GLU A 347 -3.45 -8.14 14.70
C GLU A 347 -4.49 -9.21 14.40
N VAL A 348 -4.34 -9.85 13.23
CA VAL A 348 -5.21 -10.90 12.74
C VAL A 348 -4.38 -12.17 12.61
N TYR A 349 -4.79 -13.17 13.37
CA TYR A 349 -4.14 -14.46 13.51
C TYR A 349 -5.11 -15.59 13.13
N PRO A 350 -4.62 -16.79 12.76
CA PRO A 350 -5.53 -17.90 12.39
C PRO A 350 -6.77 -18.11 13.28
N ALA A 351 -6.60 -18.01 14.62
CA ALA A 351 -7.67 -18.16 15.62
C ALA A 351 -8.79 -17.13 15.40
N ASP A 352 -8.41 -15.90 14.97
CA ASP A 352 -9.34 -14.81 14.67
C ASP A 352 -10.19 -15.12 13.47
N ILE A 353 -9.56 -15.61 12.36
CA ILE A 353 -10.22 -15.97 11.09
C ILE A 353 -11.25 -17.08 11.35
N GLU A 354 -10.89 -18.04 12.21
CA GLU A 354 -11.77 -19.13 12.60
C GLU A 354 -12.97 -18.65 13.40
N ARG A 355 -12.75 -17.69 14.31
CA ARG A 355 -13.79 -17.10 15.13
C ARG A 355 -14.69 -16.21 14.29
N LEU A 356 -14.11 -15.62 13.21
CA LEU A 356 -14.80 -14.75 12.26
C LEU A 356 -15.74 -15.55 11.38
N ILE A 357 -15.33 -16.76 10.93
CA ILE A 357 -16.15 -17.61 10.05
C ILE A 357 -17.43 -18.03 10.79
N GLY A 358 -17.31 -18.26 12.09
CA GLY A 358 -18.44 -18.59 12.96
C GLY A 358 -19.33 -17.38 13.16
N ALA A 359 -18.71 -16.18 13.27
CA ALA A 359 -19.43 -14.91 13.40
C ALA A 359 -20.17 -14.52 12.10
N ILE A 360 -19.60 -14.86 10.92
CA ILE A 360 -20.22 -14.58 9.61
C ILE A 360 -21.53 -15.37 9.56
N GLU A 361 -21.48 -16.67 9.95
CA GLU A 361 -22.60 -17.61 10.02
C GLU A 361 -23.75 -17.05 10.87
N LYS A 362 -23.47 -16.57 12.09
CA LYS A 362 -24.46 -15.98 13.01
C LYS A 362 -25.05 -14.64 12.52
N ALA A 363 -24.29 -13.89 11.70
CA ALA A 363 -24.70 -12.60 11.15
C ALA A 363 -25.53 -12.75 9.86
N MET A 364 -25.65 -13.99 9.33
CA MET A 364 -26.40 -14.30 8.11
C MET A 364 -27.92 -14.35 8.43
N TYR A 365 -28.50 -13.18 8.75
CA TYR A 365 -29.91 -13.03 9.11
C TYR A 365 -30.90 -13.46 8.02
N TRP A 366 -30.53 -13.29 6.73
CA TRP A 366 -31.35 -13.63 5.56
C TRP A 366 -31.57 -15.15 5.36
N GLN A 367 -30.92 -16.02 6.20
CA GLN A 367 -31.08 -17.49 6.12
C GLN A 367 -32.43 -17.95 6.64
#